data_3T4Y
#
_entry.id   3T4Y
#
_cell.length_a   45.800
_cell.length_b   81.400
_cell.length_c   132.400
_cell.angle_alpha   90.000
_cell.angle_beta   90.000
_cell.angle_gamma   90.000
#
_symmetry.space_group_name_H-M   'P 21 21 21'
#
loop_
_entity.id
_entity.type
_entity.pdbx_description
1 polymer 'S25-2 FAB (IGG1K) LIGHT CHAIN'
2 polymer 'S25-2 FAB (IGG1K) HEAVY CHAIN'
3 non-polymer 'MAGNESIUM ION'
4 non-polymer '3-deoxy-alpha-D-manno-oct-2-ulopyranosonic acid'
5 non-polymer 'ZINC ION'
6 water water
#
loop_
_entity_poly.entity_id
_entity_poly.type
_entity_poly.pdbx_seq_one_letter_code
_entity_poly.pdbx_strand_id
1 'polypeptide(L)'
;DIVMSQSPSSLAVSAGEKVTMSCKSSQSLLNSRTRKNYLAWYQQKPGQSPKLLIYWASTRESGVPDRFTGSGSGTDFTLT
ITSVQAEDLAVYYCKQSYNLRTFGGGTKLEIKRADAAPTVSIFPPSSEQLTSGGASVVCFLNNFYPKDINVKWKIDGSER
QNGVLNSWTDQDSKDSTYSMSSTLTLTKDEYERHNSYTCEATHKTSTSPIVKSFNRNEC
;
A
2 'polypeptide(L)'
;EVKLVESGGGLVQSGGSLRLSCATSGFTFTDYYMSWVRQPPGKALEWLGFIRNKANGYTTEYSPSVKGRFTISRDNSQSI
LYLQMNTLRAEDSATYYCARDHDGYYERFSYWGQGTLVTVSAAKTTPPSVYPLAPGSAAQTNSMVTLGCLVKGYFPEPVT
VTWNSGSLSSGVHTFPAVLQSDLYTLSSSVTVPSSTWPSETVTCNVAHPASSTKVDKKIVPR
;
B
#
loop_
_chem_comp.id
_chem_comp.type
_chem_comp.name
_chem_comp.formula
KDO D-saccharide, alpha linking '3-deoxy-alpha-D-manno-oct-2-ulopyranosonic acid' 'C8 H14 O8'
MG non-polymer 'MAGNESIUM ION' 'Mg 2'
ZN non-polymer 'ZINC ION' 'Zn 2'
#
# COMPACT_ATOMS: atom_id res chain seq x y z
N ASP A 1 21.10 2.66 -21.39
CA ASP A 1 20.22 2.64 -22.55
C ASP A 1 19.44 1.37 -22.66
N ILE A 2 19.13 0.73 -21.53
CA ILE A 2 18.17 -0.39 -21.61
C ILE A 2 16.79 -0.01 -21.11
N VAL A 3 15.91 0.24 -22.09
CA VAL A 3 14.53 0.59 -21.80
C VAL A 3 13.71 -0.67 -21.69
N MET A 4 13.00 -0.79 -20.57
CA MET A 4 12.17 -1.96 -20.30
C MET A 4 10.71 -1.54 -20.39
N SER A 5 9.91 -2.29 -21.13
CA SER A 5 8.49 -1.98 -21.25
C SER A 5 7.65 -3.24 -21.05
N GLN A 6 6.50 -3.08 -20.40
CA GLN A 6 5.65 -4.21 -20.09
C GLN A 6 4.26 -4.00 -20.64
N SER A 7 3.57 -5.10 -20.85
CA SER A 7 2.23 -5.06 -21.45
C SER A 7 1.48 -6.27 -20.93
N PRO A 8 0.19 -6.11 -20.63
CA PRO A 8 -0.61 -4.88 -20.65
C PRO A 8 -0.28 -4.00 -19.45
N SER A 9 -0.80 -2.79 -19.39
CA SER A 9 -0.68 -1.97 -18.18
C SER A 9 -1.47 -2.59 -17.06
N SER A 10 -2.63 -3.14 -17.39
CA SER A 10 -3.45 -3.88 -16.44
C SER A 10 -4.43 -4.79 -17.14
N LEU A 11 -4.90 -5.79 -16.41
CA LEU A 11 -5.98 -6.67 -16.86
C LEU A 11 -6.64 -7.31 -15.66
N ALA A 12 -7.79 -7.97 -15.89
CA ALA A 12 -8.43 -8.75 -14.83
C ALA A 12 -8.73 -10.16 -15.34
N VAL A 13 -8.58 -11.14 -14.47
CA VAL A 13 -8.83 -12.51 -14.86
C VAL A 13 -9.58 -13.23 -13.74
N SER A 14 -10.49 -14.13 -14.09
CA SER A 14 -11.23 -14.87 -13.07
C SER A 14 -10.35 -15.99 -12.49
N ALA A 15 -10.61 -16.38 -11.25
CA ALA A 15 -9.85 -17.44 -10.62
C ALA A 15 -9.97 -18.73 -11.41
N GLY A 16 -8.86 -19.43 -11.58
CA GLY A 16 -8.85 -20.68 -12.32
C GLY A 16 -8.45 -20.51 -13.77
N GLU A 17 -8.41 -19.26 -14.24
CA GLU A 17 -8.03 -19.01 -15.63
C GLU A 17 -6.55 -18.66 -15.75
N LYS A 18 -6.08 -18.53 -16.98
CA LYS A 18 -4.67 -18.31 -17.26
C LYS A 18 -4.38 -16.83 -17.50
N VAL A 19 -3.22 -16.38 -17.05
CA VAL A 19 -2.77 -15.01 -17.25
C VAL A 19 -1.48 -15.01 -18.06
N THR A 20 -1.41 -14.14 -19.06
CA THR A 20 -0.21 -13.96 -19.86
C THR A 20 0.19 -12.49 -19.88
N MET A 21 1.44 -12.20 -19.57
CA MET A 21 1.93 -10.82 -19.61
C MET A 21 3.35 -10.74 -20.17
N SER A 22 3.69 -9.59 -20.74
CA SER A 22 4.84 -9.46 -21.63
C SER A 22 5.85 -8.45 -21.11
N CYS A 23 7.11 -8.65 -21.48
CA CYS A 23 8.19 -7.77 -21.09
C CYS A 23 9.20 -7.65 -22.22
N LYS A 24 9.43 -6.42 -22.66
CA LYS A 24 10.37 -6.16 -23.75
C LYS A 24 11.55 -5.33 -23.28
N SER A 25 12.74 -5.65 -23.78
CA SER A 25 13.94 -4.85 -23.54
C SER A 25 14.40 -4.23 -24.86
N SER A 26 14.97 -3.03 -24.80
CA SER A 26 15.43 -2.32 -25.99
C SER A 26 16.67 -2.98 -26.60
N GLN A 27 17.33 -3.82 -25.81
CA GLN A 27 18.42 -4.61 -26.36
C GLN A 27 18.44 -5.99 -25.71
N SER A 28 19.09 -6.93 -26.37
CA SER A 28 19.10 -8.31 -25.93
C SER A 28 19.68 -8.45 -24.53
N LEU A 29 19.01 -9.23 -23.69
CA LEU A 29 19.50 -9.50 -22.35
C LEU A 29 20.26 -10.83 -22.27
N LEU A 30 20.54 -11.45 -23.42
CA LEU A 30 21.26 -12.72 -23.40
C LEU A 30 22.77 -12.51 -23.31
N ASN A 31 23.33 -12.88 -22.16
CA ASN A 31 24.76 -12.74 -21.90
C ASN A 31 25.54 -13.85 -22.62
N SER A 32 26.44 -13.45 -23.51
CA SER A 32 27.19 -14.38 -24.35
C SER A 32 28.11 -15.29 -23.57
N ARG A 33 28.66 -14.77 -22.48
CA ARG A 33 29.63 -15.52 -21.70
C ARG A 33 28.96 -16.63 -20.90
N THR A 34 27.78 -16.35 -20.36
CA THR A 34 27.10 -17.31 -19.50
C THR A 34 25.92 -17.96 -20.23
N ARG A 35 25.57 -17.41 -21.39
CA ARG A 35 24.47 -17.92 -22.21
C ARG A 35 23.11 -17.90 -21.52
N LYS A 36 22.95 -17.01 -20.54
CA LYS A 36 21.64 -16.85 -19.89
C LYS A 36 21.10 -15.43 -20.04
N ASN A 37 19.78 -15.30 -19.94
CA ASN A 37 19.12 -14.01 -20.06
C ASN A 37 19.00 -13.38 -18.69
N TYR A 38 19.55 -12.18 -18.53
CA TYR A 38 19.54 -11.53 -17.21
C TYR A 38 18.23 -10.78 -17.01
N LEU A 39 17.17 -11.54 -16.80
CA LEU A 39 15.83 -11.00 -16.74
C LEU A 39 15.08 -11.70 -15.62
N ALA A 40 14.62 -10.91 -14.65
CA ALA A 40 13.91 -11.44 -13.51
C ALA A 40 12.51 -10.84 -13.43
N TRP A 41 11.61 -11.58 -12.77
CA TRP A 41 10.24 -11.13 -12.52
C TRP A 41 9.99 -11.02 -11.02
N TYR A 42 9.30 -9.97 -10.60
CA TYR A 42 8.96 -9.78 -9.19
C TYR A 42 7.46 -9.56 -9.04
N GLN A 43 6.92 -9.97 -7.90
CA GLN A 43 5.51 -9.82 -7.62
C GLN A 43 5.35 -8.84 -6.46
N GLN A 44 4.56 -7.79 -6.65
CA GLN A 44 4.31 -6.85 -5.56
C GLN A 44 2.84 -6.81 -5.18
N LYS A 45 2.49 -7.50 -4.11
CA LYS A 45 1.11 -7.55 -3.66
C LYS A 45 0.75 -6.23 -2.98
N PRO A 46 -0.55 -5.91 -2.93
CA PRO A 46 -0.94 -4.63 -2.33
C PRO A 46 -0.37 -4.47 -0.93
N GLY A 47 0.32 -3.37 -0.67
CA GLY A 47 0.82 -3.07 0.65
C GLY A 47 2.11 -3.78 1.02
N GLN A 48 2.69 -4.51 0.08
CA GLN A 48 3.88 -5.30 0.37
C GLN A 48 5.09 -4.87 -0.45
N SER A 49 6.26 -5.35 -0.05
CA SER A 49 7.45 -5.18 -0.86
C SER A 49 7.41 -6.18 -2.01
N PRO A 50 8.19 -5.90 -3.07
CA PRO A 50 8.32 -6.85 -4.17
C PRO A 50 8.96 -8.15 -3.70
N LYS A 51 8.59 -9.24 -4.36
CA LYS A 51 9.12 -10.55 -4.04
C LYS A 51 9.59 -11.22 -5.30
N LEU A 52 10.77 -11.82 -5.26
CA LEU A 52 11.33 -12.50 -6.42
C LEU A 52 10.49 -13.71 -6.82
N LEU A 53 10.12 -13.79 -8.09
CA LEU A 53 9.42 -14.97 -8.62
C LEU A 53 10.30 -15.83 -9.50
N ILE A 54 10.85 -15.22 -10.55
CA ILE A 54 11.61 -15.93 -11.57
C ILE A 54 12.87 -15.15 -11.87
N TYR A 55 13.97 -15.83 -12.19
CA TYR A 55 15.18 -15.16 -12.66
C TYR A 55 15.84 -15.98 -13.76
N TRP A 56 16.86 -15.42 -14.40
CA TRP A 56 17.45 -16.06 -15.57
C TRP A 56 16.33 -16.41 -16.56
N ALA A 57 15.34 -15.53 -16.64
CA ALA A 57 14.15 -15.66 -17.49
C ALA A 57 13.21 -16.82 -17.15
N SER A 58 13.74 -17.97 -16.78
CA SER A 58 12.86 -19.14 -16.65
C SER A 58 13.08 -19.97 -15.39
N THR A 59 14.00 -19.55 -14.53
CA THR A 59 14.22 -20.30 -13.29
C THR A 59 13.28 -19.82 -12.18
N ARG A 60 12.51 -20.76 -11.65
CA ARG A 60 11.50 -20.44 -10.65
C ARG A 60 12.15 -20.56 -9.28
N GLU A 61 12.10 -19.47 -8.52
CA GLU A 61 12.72 -19.46 -7.20
C GLU A 61 12.08 -20.47 -6.26
N SER A 62 12.88 -21.06 -5.38
CA SER A 62 12.33 -22.01 -4.42
C SER A 62 11.22 -21.37 -3.62
N GLY A 63 10.12 -22.10 -3.43
CA GLY A 63 9.01 -21.63 -2.63
C GLY A 63 7.95 -20.89 -3.43
N VAL A 64 8.21 -20.74 -4.73
CA VAL A 64 7.24 -20.13 -5.65
C VAL A 64 6.43 -21.20 -6.34
N PRO A 65 5.10 -21.07 -6.30
CA PRO A 65 4.17 -22.08 -6.83
C PRO A 65 4.40 -22.41 -8.31
N ASP A 66 4.17 -23.67 -8.68
CA ASP A 66 4.41 -24.14 -10.05
C ASP A 66 3.61 -23.39 -11.12
N ARG A 67 2.51 -22.77 -10.73
CA ARG A 67 1.66 -22.11 -11.71
C ARG A 67 2.28 -20.84 -12.30
N PHE A 68 3.39 -20.39 -11.73
CA PHE A 68 4.16 -19.29 -12.32
C PHE A 68 5.27 -19.82 -13.21
N THR A 69 5.28 -19.42 -14.48
CA THR A 69 6.30 -19.83 -15.43
C THR A 69 6.83 -18.66 -16.25
N GLY A 70 8.15 -18.48 -16.23
CA GLY A 70 8.77 -17.45 -17.03
C GLY A 70 9.29 -18.07 -18.32
N SER A 71 9.21 -17.34 -19.42
CA SER A 71 9.76 -17.82 -20.68
C SER A 71 10.24 -16.65 -21.54
N GLY A 72 10.86 -16.97 -22.67
CA GLY A 72 11.34 -15.94 -23.57
C GLY A 72 12.85 -15.89 -23.62
N SER A 73 13.38 -15.03 -24.48
CA SER A 73 14.82 -14.89 -24.59
C SER A 73 15.12 -13.66 -25.40
N GLY A 74 16.31 -13.11 -25.24
CA GLY A 74 16.75 -11.98 -26.05
C GLY A 74 16.07 -10.68 -25.65
N THR A 75 15.12 -10.21 -26.45
CA THR A 75 14.44 -8.95 -26.16
C THR A 75 13.01 -9.11 -25.67
N ASP A 76 12.52 -10.34 -25.65
CA ASP A 76 11.10 -10.55 -25.34
C ASP A 76 10.86 -11.67 -24.35
N PHE A 77 10.14 -11.35 -23.28
CA PHE A 77 9.92 -12.27 -22.18
C PHE A 77 8.46 -12.32 -21.80
N THR A 78 8.05 -13.43 -21.21
CA THR A 78 6.66 -13.63 -20.83
C THR A 78 6.56 -14.27 -19.46
N LEU A 79 5.64 -13.77 -18.64
CA LEU A 79 5.27 -14.45 -17.41
C LEU A 79 3.88 -15.01 -17.56
N THR A 80 3.75 -16.32 -17.36
CA THR A 80 2.45 -16.96 -17.47
C THR A 80 2.02 -17.45 -16.10
N ILE A 81 0.77 -17.19 -15.74
CA ILE A 81 0.21 -17.75 -14.53
C ILE A 81 -0.95 -18.66 -14.91
N THR A 82 -0.81 -19.95 -14.59
CA THR A 82 -1.91 -20.89 -14.85
C THR A 82 -2.75 -21.00 -13.59
N SER A 83 -4.03 -21.31 -13.75
CA SER A 83 -4.93 -21.50 -12.61
C SER A 83 -4.81 -20.37 -11.59
N VAL A 84 -5.03 -19.13 -12.03
CA VAL A 84 -4.85 -17.97 -11.17
C VAL A 84 -5.65 -18.12 -9.88
N GLN A 85 -5.07 -17.72 -8.76
CA GLN A 85 -5.78 -17.75 -7.49
C GLN A 85 -6.03 -16.33 -7.00
N ALA A 86 -6.99 -16.17 -6.10
CA ALA A 86 -7.29 -14.85 -5.58
C ALA A 86 -6.03 -14.14 -5.06
N GLU A 87 -5.13 -14.90 -4.43
CA GLU A 87 -3.96 -14.32 -3.79
C GLU A 87 -2.93 -13.77 -4.80
N ASP A 88 -3.12 -14.07 -6.09
CA ASP A 88 -2.16 -13.62 -7.11
C ASP A 88 -2.36 -12.16 -7.52
N LEU A 89 -3.40 -11.54 -6.99
CA LEU A 89 -3.59 -10.10 -7.11
C LEU A 89 -2.30 -9.38 -6.80
N ALA A 90 -1.77 -8.66 -7.77
CA ALA A 90 -0.50 -7.96 -7.58
C ALA A 90 -0.10 -7.16 -8.80
N VAL A 91 0.91 -6.31 -8.64
CA VAL A 91 1.62 -5.75 -9.79
C VAL A 91 2.88 -6.56 -10.04
N TYR A 92 3.11 -6.93 -11.30
CA TYR A 92 4.26 -7.73 -11.69
C TYR A 92 5.25 -6.89 -12.46
N TYR A 93 6.51 -6.91 -12.01
CA TYR A 93 7.58 -6.16 -12.67
C TYR A 93 8.61 -7.11 -13.25
N CYS A 94 9.10 -6.78 -14.44
CA CYS A 94 10.29 -7.44 -14.93
C CYS A 94 11.49 -6.50 -14.75
N LYS A 95 12.69 -7.06 -14.75
CA LYS A 95 13.88 -6.26 -14.41
C LYS A 95 15.08 -6.88 -15.10
N GLN A 96 15.84 -6.08 -15.84
CA GLN A 96 17.09 -6.55 -16.46
C GLN A 96 18.26 -6.29 -15.54
N SER A 97 19.27 -7.16 -15.59
CA SER A 97 20.51 -6.92 -14.85
C SER A 97 21.71 -7.18 -15.73
N TYR A 98 21.50 -7.01 -17.04
CA TYR A 98 22.56 -7.18 -18.04
C TYR A 98 23.55 -6.02 -17.98
N ASN A 99 23.04 -4.83 -17.68
CA ASN A 99 23.90 -3.67 -17.54
C ASN A 99 23.30 -2.83 -16.43
N LEU A 100 23.95 -2.81 -15.27
CA LEU A 100 23.32 -2.28 -14.06
C LEU A 100 21.93 -2.90 -13.98
N ARG A 101 20.92 -2.15 -13.53
CA ARG A 101 19.58 -2.71 -13.46
C ARG A 101 18.52 -1.71 -13.87
N THR A 102 17.45 -2.21 -14.50
CA THR A 102 16.32 -1.39 -14.89
C THR A 102 15.03 -2.21 -14.78
N PHE A 103 14.00 -1.58 -14.21
CA PHE A 103 12.70 -2.20 -14.05
C PHE A 103 11.76 -1.79 -15.18
N GLY A 104 10.92 -2.72 -15.61
CA GLY A 104 9.79 -2.40 -16.46
C GLY A 104 8.75 -1.61 -15.67
N GLY A 105 7.72 -1.09 -16.33
CA GLY A 105 6.76 -0.23 -15.68
C GLY A 105 5.65 -0.96 -14.92
N GLY A 106 5.65 -2.28 -14.99
CA GLY A 106 4.73 -3.11 -14.24
C GLY A 106 3.46 -3.47 -14.99
N THR A 107 2.86 -4.60 -14.62
CA THR A 107 1.55 -5.02 -15.09
C THR A 107 0.70 -5.28 -13.85
N LYS A 108 -0.43 -4.56 -13.74
CA LYS A 108 -1.36 -4.74 -12.61
C LYS A 108 -2.39 -5.81 -12.93
N LEU A 109 -2.36 -6.89 -12.17
CA LEU A 109 -3.29 -7.98 -12.33
C LEU A 109 -4.42 -7.89 -11.30
N GLU A 110 -5.65 -7.73 -11.81
CA GLU A 110 -6.85 -7.66 -10.98
C GLU A 110 -7.54 -9.01 -11.09
N ILE A 111 -8.34 -9.37 -10.09
CA ILE A 111 -9.08 -10.61 -10.13
C ILE A 111 -10.56 -10.37 -10.41
N LYS A 112 -11.09 -11.02 -11.43
CA LYS A 112 -12.52 -10.94 -11.68
C LYS A 112 -13.28 -11.95 -10.84
N ARG A 113 -14.40 -11.53 -10.27
CA ARG A 113 -15.25 -12.42 -9.49
C ARG A 113 -16.72 -12.07 -9.71
N ALA A 114 -17.62 -12.84 -9.11
CA ALA A 114 -19.05 -12.57 -9.23
C ALA A 114 -19.41 -11.25 -8.56
N ASP A 115 -20.35 -10.51 -9.15
CA ASP A 115 -20.85 -9.29 -8.53
C ASP A 115 -21.28 -9.53 -7.09
N ALA A 116 -21.04 -8.55 -6.23
CA ALA A 116 -21.39 -8.63 -4.82
C ALA A 116 -21.80 -7.26 -4.32
N ALA A 117 -22.94 -7.20 -3.62
CA ALA A 117 -23.45 -5.96 -3.05
C ALA A 117 -22.64 -5.52 -1.82
N PRO A 118 -22.55 -4.21 -1.59
CA PRO A 118 -21.77 -3.70 -0.46
C PRO A 118 -22.52 -3.91 0.84
N THR A 119 -21.80 -4.02 1.93
CA THR A 119 -22.41 -3.96 3.26
C THR A 119 -22.15 -2.55 3.78
N VAL A 120 -23.22 -1.80 4.02
CA VAL A 120 -23.10 -0.40 4.35
C VAL A 120 -23.34 -0.13 5.83
N SER A 121 -22.46 0.69 6.41
CA SER A 121 -22.56 1.12 7.80
C SER A 121 -22.32 2.62 7.92
N ILE A 122 -23.14 3.32 8.70
CA ILE A 122 -22.99 4.76 8.93
C ILE A 122 -22.62 5.05 10.39
N PHE A 123 -21.75 6.04 10.58
CA PHE A 123 -21.28 6.41 11.92
C PHE A 123 -21.34 7.91 12.18
N PRO A 124 -22.00 8.30 13.28
CA PRO A 124 -22.09 9.71 13.65
C PRO A 124 -20.77 10.21 14.19
N PRO A 125 -20.61 11.52 14.26
CA PRO A 125 -19.42 12.14 14.85
C PRO A 125 -19.31 11.72 16.30
N SER A 126 -18.08 11.53 16.75
CA SER A 126 -17.81 11.22 18.14
C SER A 126 -17.84 12.47 19.00
N SER A 127 -18.13 12.32 20.29
CA SER A 127 -18.13 13.48 21.18
C SER A 127 -16.75 14.14 21.24
N GLU A 128 -15.70 13.33 21.15
CA GLU A 128 -14.35 13.88 21.19
C GLU A 128 -14.00 14.72 19.96
N GLN A 129 -14.66 14.49 18.84
CA GLN A 129 -14.44 15.37 17.70
C GLN A 129 -15.26 16.64 17.84
N LEU A 130 -16.51 16.47 18.23
CA LEU A 130 -17.43 17.60 18.34
C LEU A 130 -16.93 18.63 19.34
N THR A 131 -16.29 18.16 20.41
CA THR A 131 -15.77 19.05 21.44
C THR A 131 -14.87 20.13 20.85
N SER A 132 -14.19 19.79 19.75
CA SER A 132 -13.21 20.69 19.16
C SER A 132 -13.74 21.49 17.98
N GLY A 133 -15.02 21.33 17.67
CA GLY A 133 -15.64 22.19 16.68
C GLY A 133 -15.94 21.57 15.33
N GLY A 134 -15.48 20.35 15.10
CA GLY A 134 -15.71 19.68 13.82
C GLY A 134 -16.66 18.51 13.93
N ALA A 135 -17.19 18.08 12.79
CA ALA A 135 -18.11 16.95 12.74
C ALA A 135 -17.95 16.10 11.49
N SER A 136 -17.38 14.90 11.63
CA SER A 136 -17.24 14.01 10.49
C SER A 136 -18.24 12.88 10.60
N VAL A 137 -18.98 12.64 9.53
CA VAL A 137 -19.85 11.48 9.44
C VAL A 137 -19.22 10.49 8.47
N VAL A 138 -19.16 9.21 8.85
CA VAL A 138 -18.48 8.23 8.02
C VAL A 138 -19.40 7.11 7.58
N CYS A 139 -19.24 6.70 6.33
CA CYS A 139 -19.97 5.58 5.80
C CYS A 139 -18.97 4.56 5.27
N PHE A 140 -19.11 3.30 5.67
CA PHE A 140 -18.30 2.23 5.11
C PHE A 140 -19.16 1.47 4.12
N LEU A 141 -18.61 1.21 2.95
CA LEU A 141 -19.27 0.35 1.98
C LEU A 141 -18.35 -0.84 1.75
N ASN A 142 -18.65 -1.96 2.38
CA ASN A 142 -17.68 -3.04 2.46
C ASN A 142 -17.97 -4.29 1.63
N ASN A 143 -16.89 -4.83 1.05
CA ASN A 143 -16.89 -6.11 0.36
C ASN A 143 -17.86 -6.19 -0.81
N PHE A 144 -17.65 -5.33 -1.81
CA PHE A 144 -18.49 -5.34 -2.99
C PHE A 144 -17.64 -5.54 -4.25
N TYR A 145 -18.31 -5.88 -5.35
CA TYR A 145 -17.65 -6.01 -6.64
C TYR A 145 -18.72 -5.86 -7.71
N PRO A 146 -18.41 -5.13 -8.79
CA PRO A 146 -17.12 -4.53 -9.14
C PRO A 146 -16.88 -3.19 -8.44
N LYS A 147 -15.72 -2.58 -8.69
CA LYS A 147 -15.27 -1.38 -7.97
C LYS A 147 -16.17 -0.16 -8.11
N ASP A 148 -16.80 -0.02 -9.26
CA ASP A 148 -17.61 1.16 -9.50
C ASP A 148 -18.80 1.23 -8.55
N ILE A 149 -18.95 2.37 -7.88
CA ILE A 149 -20.07 2.54 -6.97
C ILE A 149 -20.38 4.03 -6.79
N ASN A 150 -21.62 4.35 -6.46
CA ASN A 150 -22.02 5.73 -6.23
C ASN A 150 -22.45 5.90 -4.80
N VAL A 151 -21.96 6.95 -4.16
CA VAL A 151 -22.46 7.31 -2.83
C VAL A 151 -23.03 8.71 -2.86
N LYS A 152 -24.19 8.87 -2.24
CA LYS A 152 -24.76 10.20 -2.08
C LYS A 152 -25.07 10.42 -0.62
N TRP A 153 -24.85 11.66 -0.17
CA TRP A 153 -25.15 12.08 1.18
C TRP A 153 -26.36 12.98 1.18
N LYS A 154 -27.30 12.70 2.06
CA LYS A 154 -28.46 13.54 2.20
C LYS A 154 -28.54 14.04 3.64
N ILE A 155 -28.85 15.32 3.79
CA ILE A 155 -29.00 15.91 5.11
C ILE A 155 -30.40 16.52 5.15
N ASP A 156 -31.20 16.07 6.11
CA ASP A 156 -32.61 16.46 6.16
C ASP A 156 -33.26 16.27 4.79
N GLY A 157 -32.85 15.21 4.11
CA GLY A 157 -33.47 14.80 2.86
C GLY A 157 -32.86 15.39 1.60
N SER A 158 -32.00 16.39 1.76
CA SER A 158 -31.39 17.05 0.61
C SER A 158 -29.95 16.61 0.37
N GLU A 159 -29.63 16.29 -0.87
CA GLU A 159 -28.28 15.89 -1.22
C GLU A 159 -27.30 16.98 -0.91
N ARG A 160 -26.12 16.58 -0.43
CA ARG A 160 -25.00 17.50 -0.23
C ARG A 160 -23.75 16.87 -0.82
N GLN A 161 -23.02 17.64 -1.60
CA GLN A 161 -21.85 17.11 -2.31
C GLN A 161 -20.51 17.66 -1.78
N ASN A 162 -20.54 18.86 -1.20
CA ASN A 162 -19.32 19.48 -0.70
C ASN A 162 -18.85 18.92 0.65
N GLY A 163 -17.54 18.77 0.81
CA GLY A 163 -16.97 18.27 2.04
C GLY A 163 -17.01 16.75 2.13
N VAL A 164 -17.14 16.10 0.98
CA VAL A 164 -17.18 14.64 0.94
C VAL A 164 -15.89 14.08 0.34
N LEU A 165 -15.30 13.11 1.03
CA LEU A 165 -14.10 12.44 0.52
C LEU A 165 -14.25 10.94 0.49
N ASN A 166 -13.82 10.36 -0.62
CA ASN A 166 -13.97 8.92 -0.82
C ASN A 166 -12.63 8.25 -1.00
N SER A 167 -12.54 7.02 -0.50
CA SER A 167 -11.33 6.23 -0.60
C SER A 167 -11.69 4.78 -0.79
N TRP A 168 -11.19 4.18 -1.88
CA TRP A 168 -11.31 2.74 -2.12
C TRP A 168 -10.09 1.99 -1.66
N THR A 169 -10.29 0.81 -1.09
CA THR A 169 -9.17 -0.09 -0.80
C THR A 169 -8.68 -0.74 -2.09
N ASP A 170 -7.50 -1.33 -2.04
CA ASP A 170 -7.09 -2.26 -3.08
C ASP A 170 -7.98 -3.47 -2.96
N GLN A 171 -8.11 -4.22 -4.05
CA GLN A 171 -8.87 -5.45 -4.03
C GLN A 171 -8.39 -6.37 -2.88
N ASP A 172 -9.29 -7.16 -2.31
CA ASP A 172 -8.93 -8.07 -1.21
C ASP A 172 -8.23 -9.33 -1.71
N SER A 173 -7.15 -9.73 -1.05
CA SER A 173 -6.32 -10.85 -1.49
C SER A 173 -7.01 -12.21 -1.37
N LYS A 174 -8.08 -12.28 -0.57
CA LYS A 174 -8.77 -13.55 -0.38
C LYS A 174 -10.16 -13.64 -1.03
N ASP A 175 -10.96 -12.58 -0.96
CA ASP A 175 -12.29 -12.64 -1.58
C ASP A 175 -12.48 -11.76 -2.82
N SER A 176 -11.42 -11.07 -3.24
CA SER A 176 -11.45 -10.30 -4.48
C SER A 176 -12.50 -9.19 -4.52
N THR A 177 -12.92 -8.73 -3.35
CA THR A 177 -13.85 -7.62 -3.28
C THR A 177 -13.11 -6.30 -3.02
N TYR A 178 -13.83 -5.21 -3.19
CA TYR A 178 -13.35 -3.89 -2.83
C TYR A 178 -14.17 -3.40 -1.63
N SER A 179 -13.64 -2.39 -0.94
CA SER A 179 -14.43 -1.64 0.02
C SER A 179 -14.10 -0.16 -0.20
N MET A 180 -14.95 0.71 0.32
CA MET A 180 -14.79 2.13 0.10
C MET A 180 -15.33 2.87 1.32
N SER A 181 -14.67 3.97 1.67
CA SER A 181 -15.07 4.80 2.80
C SER A 181 -15.52 6.13 2.23
N SER A 182 -16.61 6.67 2.78
CA SER A 182 -17.06 8.00 2.39
C SER A 182 -17.22 8.81 3.66
N THR A 183 -16.51 9.93 3.70
CA THR A 183 -16.49 10.75 4.89
C THR A 183 -16.97 12.16 4.56
N LEU A 184 -18.04 12.55 5.24
CA LEU A 184 -18.62 13.88 5.09
C LEU A 184 -18.21 14.73 6.29
N THR A 185 -17.57 15.86 6.03
CA THR A 185 -17.13 16.74 7.10
C THR A 185 -17.85 18.08 7.10
N LEU A 186 -18.38 18.44 8.26
CA LEU A 186 -19.11 19.69 8.47
C LEU A 186 -18.57 20.39 9.68
N THR A 187 -18.92 21.66 9.85
CA THR A 187 -18.65 22.35 11.10
C THR A 187 -19.67 21.91 12.14
N LYS A 188 -19.34 22.07 13.41
CA LYS A 188 -20.27 21.70 14.47
C LYS A 188 -21.56 22.53 14.32
N ASP A 189 -21.39 23.84 14.13
CA ASP A 189 -22.51 24.75 13.95
C ASP A 189 -23.48 24.28 12.86
N GLU A 190 -22.95 23.83 11.74
CA GLU A 190 -23.83 23.36 10.67
C GLU A 190 -24.41 21.97 10.98
N TYR A 191 -23.60 21.09 11.56
CA TYR A 191 -24.07 19.77 11.98
C TYR A 191 -25.29 19.88 12.91
N GLU A 192 -25.25 20.87 13.79
CA GLU A 192 -26.32 21.06 14.77
C GLU A 192 -27.59 21.75 14.23
N ARG A 193 -27.61 22.06 12.95
CA ARG A 193 -28.78 22.70 12.33
C ARG A 193 -29.70 21.71 11.68
N HIS A 194 -29.24 20.48 11.57
CA HIS A 194 -30.01 19.49 10.85
C HIS A 194 -30.11 18.22 11.67
N ASN A 195 -31.09 17.38 11.35
CA ASN A 195 -31.33 16.19 12.13
C ASN A 195 -30.93 14.89 11.44
N SER A 196 -31.42 14.67 10.21
CA SER A 196 -31.20 13.39 9.55
C SER A 196 -29.95 13.39 8.68
N TYR A 197 -29.15 12.34 8.84
CA TYR A 197 -27.94 12.17 8.05
C TYR A 197 -27.95 10.81 7.37
N THR A 198 -27.87 10.82 6.04
CA THR A 198 -28.06 9.61 5.27
C THR A 198 -26.97 9.42 4.24
N CYS A 199 -26.49 8.19 4.13
CA CYS A 199 -25.56 7.86 3.08
C CYS A 199 -26.24 6.79 2.24
N GLU A 200 -26.32 7.00 0.94
CA GLU A 200 -27.00 6.06 0.07
C GLU A 200 -26.06 5.46 -0.95
N ALA A 201 -26.02 4.14 -1.04
CA ALA A 201 -25.10 3.49 -1.96
C ALA A 201 -25.84 2.86 -3.13
N THR A 202 -25.45 3.26 -4.34
CA THR A 202 -26.00 2.65 -5.53
C THR A 202 -24.94 1.85 -6.27
N HIS A 203 -25.21 0.56 -6.43
CA HIS A 203 -24.27 -0.37 -7.01
C HIS A 203 -25.04 -1.25 -7.99
N LYS A 204 -24.35 -1.75 -9.01
CA LYS A 204 -25.05 -2.45 -10.10
C LYS A 204 -25.78 -3.71 -9.62
N THR A 205 -25.47 -4.16 -8.41
CA THR A 205 -26.11 -5.35 -7.86
C THR A 205 -27.55 -5.14 -7.45
N SER A 206 -27.99 -3.89 -7.36
CA SER A 206 -29.41 -3.67 -7.15
C SER A 206 -29.85 -2.33 -7.72
N THR A 207 -31.07 -2.27 -8.25
CA THR A 207 -31.64 -1.00 -8.69
C THR A 207 -32.09 -0.19 -7.49
N SER A 208 -32.14 -0.82 -6.33
CA SER A 208 -32.49 -0.14 -5.09
C SER A 208 -31.21 0.30 -4.37
N PRO A 209 -31.07 1.60 -4.09
CA PRO A 209 -29.93 2.03 -3.28
C PRO A 209 -30.02 1.44 -1.87
N ILE A 210 -28.86 1.19 -1.27
CA ILE A 210 -28.82 0.74 0.10
C ILE A 210 -28.67 1.99 0.93
N VAL A 211 -29.62 2.22 1.83
CA VAL A 211 -29.66 3.46 2.56
C VAL A 211 -29.38 3.19 4.04
N LYS A 212 -28.47 3.98 4.60
CA LYS A 212 -28.24 3.96 6.04
C LYS A 212 -28.29 5.38 6.55
N SER A 213 -28.87 5.56 7.73
CA SER A 213 -29.15 6.89 8.22
C SER A 213 -29.11 6.90 9.74
N PHE A 214 -28.95 8.10 10.29
CA PHE A 214 -29.15 8.31 11.71
C PHE A 214 -29.69 9.70 11.94
N ASN A 215 -30.40 9.86 13.05
CA ASN A 215 -31.02 11.12 13.41
C ASN A 215 -30.38 11.63 14.69
N ARG A 216 -29.95 12.87 14.66
CA ARG A 216 -29.25 13.47 15.80
C ARG A 216 -30.06 13.48 17.09
N ASN A 217 -31.37 13.67 16.98
CA ASN A 217 -32.23 13.70 18.16
C ASN A 217 -32.23 12.35 18.84
N GLU A 218 -31.81 11.32 18.12
CA GLU A 218 -31.85 9.97 18.66
C GLU A 218 -30.51 9.57 19.26
N CYS A 219 -29.54 10.49 19.21
CA CYS A 219 -28.19 10.16 19.65
C CYS A 219 -28.13 10.09 21.17
N GLU B 1 16.98 -16.95 9.37
CA GLU B 1 16.13 -16.16 8.50
C GLU B 1 16.89 -14.96 7.97
N VAL B 2 16.71 -14.64 6.69
CA VAL B 2 17.28 -13.42 6.13
C VAL B 2 16.40 -12.22 6.52
N LYS B 3 17.03 -11.15 6.97
CA LYS B 3 16.30 -9.94 7.36
C LYS B 3 16.96 -8.68 6.80
N LEU B 4 16.14 -7.81 6.22
CA LEU B 4 16.57 -6.52 5.74
C LEU B 4 15.59 -5.51 6.28
N VAL B 5 16.08 -4.49 7.00
CA VAL B 5 15.18 -3.50 7.59
C VAL B 5 15.65 -2.07 7.36
N GLU B 6 14.89 -1.31 6.54
CA GLU B 6 15.20 0.09 6.29
C GLU B 6 14.76 0.96 7.45
N SER B 7 15.51 2.03 7.69
CA SER B 7 15.16 3.03 8.69
C SER B 7 15.57 4.38 8.13
N GLY B 8 15.00 5.45 8.66
CA GLY B 8 15.49 6.78 8.35
C GLY B 8 14.56 7.66 7.54
N GLY B 9 13.52 7.06 6.95
CA GLY B 9 12.55 7.82 6.19
C GLY B 9 11.78 8.81 7.06
N GLY B 10 11.16 9.78 6.42
CA GLY B 10 10.39 10.79 7.12
C GLY B 10 10.31 12.04 6.28
N LEU B 11 9.99 13.16 6.91
CA LEU B 11 9.76 14.42 6.21
C LEU B 11 11.03 15.25 6.12
N VAL B 12 11.30 15.78 4.94
CA VAL B 12 12.45 16.66 4.72
C VAL B 12 12.04 17.75 3.75
N GLN B 13 12.64 18.93 3.87
CA GLN B 13 12.30 20.03 2.98
C GLN B 13 13.07 19.92 1.69
N SER B 14 12.56 20.58 0.66
CA SER B 14 13.24 20.64 -0.63
C SER B 14 14.62 21.27 -0.45
N GLY B 15 15.65 20.63 -0.98
CA GLY B 15 17.00 21.13 -0.89
C GLY B 15 17.79 20.45 0.22
N GLY B 16 17.08 19.74 1.10
CA GLY B 16 17.71 19.09 2.22
C GLY B 16 18.46 17.81 1.89
N SER B 17 19.07 17.22 2.91
CA SER B 17 19.73 15.94 2.77
C SER B 17 19.11 14.95 3.75
N LEU B 18 19.24 13.66 3.46
CA LEU B 18 18.70 12.64 4.33
C LEU B 18 19.42 11.32 4.11
N ARG B 19 19.76 10.63 5.19
CA ARG B 19 20.46 9.36 5.08
C ARG B 19 19.61 8.22 5.57
N LEU B 20 19.46 7.22 4.71
CA LEU B 20 18.70 6.02 5.06
C LEU B 20 19.68 4.94 5.43
N SER B 21 19.25 4.01 6.25
CA SER B 21 20.08 2.87 6.60
C SER B 21 19.29 1.60 6.35
N CYS B 22 20.00 0.49 6.20
CA CYS B 22 19.38 -0.80 5.94
C CYS B 22 20.12 -1.87 6.72
N ALA B 23 19.50 -2.35 7.79
CA ALA B 23 20.12 -3.36 8.65
C ALA B 23 19.87 -4.76 8.12
N THR B 24 20.93 -5.57 7.99
CA THR B 24 20.79 -6.91 7.44
C THR B 24 21.31 -8.00 8.39
N SER B 25 20.77 -9.20 8.23
CA SER B 25 21.28 -10.37 8.93
C SER B 25 20.83 -11.66 8.24
N GLY B 26 21.47 -12.77 8.60
CA GLY B 26 21.06 -14.08 8.10
C GLY B 26 21.75 -14.52 6.84
N PHE B 27 22.73 -13.74 6.39
CA PHE B 27 23.55 -14.09 5.23
C PHE B 27 24.90 -13.37 5.33
N THR B 28 25.90 -13.92 4.66
CA THR B 28 27.22 -13.30 4.65
C THR B 28 27.23 -12.00 3.86
N PHE B 29 27.02 -10.90 4.58
CA PHE B 29 26.91 -9.57 3.99
C PHE B 29 27.99 -9.25 2.95
N THR B 30 29.25 -9.53 3.28
CA THR B 30 30.34 -9.10 2.40
C THR B 30 30.35 -9.83 1.05
N ASP B 31 29.65 -10.97 0.98
CA ASP B 31 29.58 -11.71 -0.26
C ASP B 31 28.66 -11.06 -1.29
N TYR B 32 27.86 -10.10 -0.86
CA TYR B 32 26.77 -9.60 -1.72
C TYR B 32 26.86 -8.13 -2.14
N TYR B 33 26.59 -7.87 -3.41
CA TYR B 33 26.22 -6.53 -3.87
C TYR B 33 24.92 -6.21 -3.16
N MET B 34 24.65 -4.93 -2.95
CA MET B 34 23.37 -4.48 -2.37
C MET B 34 22.84 -3.34 -3.20
N SER B 35 21.53 -3.36 -3.46
CA SER B 35 20.91 -2.28 -4.25
C SER B 35 19.92 -1.49 -3.43
N TRP B 36 19.70 -0.24 -3.85
CA TRP B 36 18.57 0.56 -3.37
C TRP B 36 17.61 0.74 -4.54
N VAL B 37 16.32 0.61 -4.26
CA VAL B 37 15.26 0.79 -5.23
C VAL B 37 14.20 1.68 -4.56
N ARG B 38 13.64 2.63 -5.32
CA ARG B 38 12.55 3.46 -4.78
C ARG B 38 11.27 3.37 -5.59
N GLN B 39 10.18 3.84 -4.99
CA GLN B 39 8.87 3.71 -5.62
C GLN B 39 7.98 4.87 -5.14
N PRO B 40 7.75 5.85 -6.02
CA PRO B 40 6.79 6.88 -5.61
C PRO B 40 5.43 6.23 -5.41
N PRO B 41 4.60 6.77 -4.50
CA PRO B 41 3.27 6.23 -4.23
C PRO B 41 2.52 5.94 -5.52
N GLY B 42 2.06 4.69 -5.68
CA GLY B 42 1.31 4.29 -6.85
C GLY B 42 2.05 4.26 -8.18
N LYS B 43 3.37 4.42 -8.15
CA LYS B 43 4.17 4.39 -9.39
C LYS B 43 5.06 3.15 -9.44
N ALA B 44 5.89 3.04 -10.48
CA ALA B 44 6.71 1.85 -10.69
C ALA B 44 8.00 1.89 -9.87
N LEU B 45 8.64 0.73 -9.74
CA LEU B 45 9.94 0.61 -9.09
C LEU B 45 11.00 1.31 -9.94
N GLU B 46 11.93 2.00 -9.29
CA GLU B 46 13.07 2.58 -9.98
C GLU B 46 14.37 2.19 -9.29
N TRP B 47 15.29 1.56 -10.02
CA TRP B 47 16.59 1.17 -9.48
C TRP B 47 17.46 2.41 -9.35
N LEU B 48 18.16 2.55 -8.22
CA LEU B 48 18.93 3.76 -7.94
C LEU B 48 20.43 3.57 -8.02
N GLY B 49 20.92 2.43 -7.55
CA GLY B 49 22.35 2.20 -7.50
C GLY B 49 22.67 0.93 -6.75
N PHE B 50 23.91 0.49 -6.85
CA PHE B 50 24.36 -0.60 -6.00
C PHE B 50 25.77 -0.38 -5.44
N ILE B 51 26.14 -1.17 -4.44
CA ILE B 51 27.52 -1.22 -4.00
C ILE B 51 27.95 -2.68 -4.07
N ARG B 52 29.09 -2.93 -4.69
CA ARG B 52 29.49 -4.29 -4.98
C ARG B 52 30.01 -5.04 -3.74
N ASN B 53 30.37 -6.31 -3.91
CA ASN B 53 30.78 -7.13 -2.78
C ASN B 53 32.28 -6.98 -2.50
N LYS B 54 32.78 -7.70 -1.50
CA LYS B 54 34.19 -7.57 -1.14
C LYS B 54 35.08 -7.97 -2.34
N ALA B 55 34.68 -9.02 -3.04
CA ALA B 55 35.48 -9.50 -4.17
C ALA B 55 35.68 -8.43 -5.23
N ASN B 56 34.79 -7.43 -5.25
CA ASN B 56 34.86 -6.37 -6.24
C ASN B 56 35.24 -5.01 -5.66
N GLY B 57 35.80 -5.02 -4.46
CA GLY B 57 36.29 -3.81 -3.83
C GLY B 57 35.21 -2.85 -3.33
N TYR B 58 33.97 -3.34 -3.23
CA TYR B 58 32.89 -2.52 -2.70
C TYR B 58 32.69 -1.21 -3.50
N THR B 59 32.89 -1.29 -4.81
CA THR B 59 32.71 -0.15 -5.69
C THR B 59 31.23 0.13 -5.92
N THR B 60 30.93 1.36 -6.32
CA THR B 60 29.54 1.77 -6.48
C THR B 60 29.18 2.11 -7.92
N GLU B 61 27.89 1.95 -8.25
CA GLU B 61 27.33 2.43 -9.50
C GLU B 61 25.95 3.01 -9.22
N TYR B 62 25.54 3.97 -10.05
CA TYR B 62 24.25 4.63 -9.87
C TYR B 62 23.48 4.79 -11.17
N SER B 63 22.17 4.90 -11.04
CA SER B 63 21.34 5.28 -12.17
C SER B 63 21.65 6.73 -12.52
N PRO B 64 21.60 7.05 -13.83
CA PRO B 64 21.81 8.44 -14.24
C PRO B 64 20.86 9.38 -13.52
N SER B 65 19.75 8.86 -13.00
CA SER B 65 18.74 9.72 -12.38
C SER B 65 19.19 10.31 -11.04
N VAL B 66 20.18 9.70 -10.41
CA VAL B 66 20.63 10.16 -9.10
C VAL B 66 22.16 10.26 -8.97
N LYS B 67 22.88 9.80 -9.99
CA LYS B 67 24.34 9.89 -9.98
C LYS B 67 24.83 11.31 -9.71
N GLY B 68 25.77 11.44 -8.78
CA GLY B 68 26.28 12.75 -8.40
C GLY B 68 25.50 13.41 -7.28
N ARG B 69 24.38 12.82 -6.88
CA ARG B 69 23.51 13.41 -5.87
C ARG B 69 23.26 12.43 -4.71
N PHE B 70 23.17 11.14 -5.05
CA PHE B 70 23.01 10.08 -4.06
C PHE B 70 24.32 9.31 -3.93
N THR B 71 24.67 8.90 -2.71
CA THR B 71 25.85 8.09 -2.49
C THR B 71 25.50 6.87 -1.64
N ILE B 72 26.01 5.72 -2.03
CA ILE B 72 25.77 4.48 -1.29
C ILE B 72 27.02 4.01 -0.54
N SER B 73 26.87 3.57 0.70
CA SER B 73 28.01 3.02 1.45
C SER B 73 27.57 1.82 2.26
N ARG B 74 28.52 1.15 2.91
CA ARG B 74 28.21 -0.05 3.70
C ARG B 74 29.16 -0.20 4.90
N ASP B 75 28.60 -0.70 6.00
CA ASP B 75 29.38 -1.01 7.21
C ASP B 75 29.51 -2.51 7.24
N ASN B 76 30.68 -3.03 6.91
CA ASN B 76 30.86 -4.47 6.81
C ASN B 76 31.12 -5.17 8.15
N SER B 77 31.34 -4.38 9.20
CA SER B 77 31.45 -4.94 10.55
C SER B 77 30.07 -5.23 11.11
N GLN B 78 29.11 -4.37 10.78
CA GLN B 78 27.76 -4.52 11.33
C GLN B 78 26.74 -4.95 10.28
N SER B 79 27.17 -5.06 9.03
CA SER B 79 26.26 -5.53 7.97
C SER B 79 25.12 -4.55 7.74
N ILE B 80 25.45 -3.26 7.72
CA ILE B 80 24.45 -2.23 7.49
C ILE B 80 24.72 -1.52 6.17
N LEU B 81 23.67 -1.27 5.41
CA LEU B 81 23.80 -0.58 4.13
C LEU B 81 23.25 0.84 4.24
N TYR B 82 23.91 1.79 3.60
CA TYR B 82 23.46 3.17 3.68
C TYR B 82 23.17 3.80 2.32
N LEU B 83 22.28 4.80 2.34
CA LEU B 83 21.97 5.63 1.17
C LEU B 83 21.91 7.09 1.59
N GLN B 84 22.87 7.89 1.16
CA GLN B 84 22.88 9.33 1.43
C GLN B 84 22.27 10.11 0.28
N MET B 85 21.19 10.84 0.55
CA MET B 85 20.54 11.65 -0.48
C MET B 85 20.77 13.13 -0.22
N ASN B 86 21.10 13.87 -1.27
CA ASN B 86 21.29 15.31 -1.15
C ASN B 86 20.45 16.11 -2.13
N THR B 87 20.31 17.42 -1.86
CA THR B 87 19.55 18.30 -2.73
C THR B 87 18.21 17.66 -3.13
N LEU B 88 17.47 17.21 -2.13
CA LEU B 88 16.22 16.49 -2.36
C LEU B 88 15.14 17.38 -2.98
N ARG B 89 14.30 16.79 -3.84
CA ARG B 89 13.18 17.50 -4.47
C ARG B 89 11.92 16.64 -4.41
N ALA B 90 10.79 17.24 -4.77
CA ALA B 90 9.49 16.54 -4.72
C ALA B 90 9.52 15.18 -5.39
N GLU B 91 10.19 15.10 -6.54
CA GLU B 91 10.31 13.86 -7.28
C GLU B 91 10.99 12.74 -6.46
N ASP B 92 11.67 13.12 -5.39
CA ASP B 92 12.32 12.12 -4.56
C ASP B 92 11.39 11.51 -3.52
N SER B 93 10.17 12.05 -3.38
CA SER B 93 9.22 11.46 -2.44
C SER B 93 8.85 10.05 -2.91
N ALA B 94 9.14 9.07 -2.06
CA ALA B 94 8.96 7.68 -2.47
C ALA B 94 9.22 6.76 -1.31
N THR B 95 8.81 5.50 -1.48
CA THR B 95 9.23 4.45 -0.57
C THR B 95 10.58 3.92 -1.04
N TYR B 96 11.57 3.94 -0.15
CA TYR B 96 12.90 3.42 -0.47
C TYR B 96 13.14 2.02 0.09
N TYR B 97 13.51 1.10 -0.80
CA TYR B 97 13.83 -0.27 -0.41
C TYR B 97 15.29 -0.57 -0.58
N CYS B 98 15.86 -1.32 0.36
CA CYS B 98 17.14 -1.98 0.10
C CYS B 98 16.84 -3.42 -0.36
N ALA B 99 17.71 -3.94 -1.21
CA ALA B 99 17.55 -5.30 -1.73
C ALA B 99 18.90 -5.98 -1.85
N ARG B 100 18.95 -7.24 -1.42
CA ARG B 100 20.13 -8.05 -1.64
C ARG B 100 20.29 -8.33 -3.14
N ASP B 101 21.50 -8.14 -3.66
CA ASP B 101 21.77 -8.17 -5.10
C ASP B 101 22.75 -9.32 -5.43
N HIS B 102 23.61 -9.10 -6.43
CA HIS B 102 24.55 -10.11 -6.99
C HIS B 102 25.56 -10.71 -5.99
N ASP B 103 25.86 -12.00 -6.17
CA ASP B 103 26.83 -12.69 -5.31
C ASP B 103 27.98 -13.23 -6.15
N GLY B 104 27.97 -12.88 -7.43
CA GLY B 104 28.96 -13.33 -8.38
C GLY B 104 28.51 -14.51 -9.19
N TYR B 105 27.32 -15.04 -8.86
CA TYR B 105 26.84 -16.30 -9.44
C TYR B 105 25.39 -16.23 -9.90
N TYR B 106 24.52 -15.65 -9.07
CA TYR B 106 23.11 -15.56 -9.40
C TYR B 106 22.74 -14.16 -9.86
N GLU B 107 21.87 -14.10 -10.85
CA GLU B 107 21.32 -12.82 -11.29
C GLU B 107 19.90 -12.65 -10.74
N ARG B 108 19.78 -12.02 -9.56
CA ARG B 108 18.49 -11.88 -8.87
C ARG B 108 18.61 -10.95 -7.67
N PHE B 109 17.50 -10.33 -7.27
CA PHE B 109 17.40 -9.66 -5.96
C PHE B 109 16.63 -10.60 -5.04
N SER B 110 17.35 -11.36 -4.22
CA SER B 110 16.70 -12.42 -3.44
C SER B 110 15.71 -11.92 -2.39
N TYR B 111 16.05 -10.82 -1.74
CA TYR B 111 15.30 -10.33 -0.60
C TYR B 111 15.17 -8.82 -0.61
N TRP B 112 14.05 -8.33 -0.09
CA TRP B 112 13.77 -6.90 -0.03
C TRP B 112 13.39 -6.52 1.39
N GLY B 113 13.74 -5.31 1.80
CA GLY B 113 13.26 -4.77 3.07
C GLY B 113 11.79 -4.34 2.97
N GLN B 114 11.24 -3.88 4.09
CA GLN B 114 9.84 -3.48 4.14
C GLN B 114 9.64 -2.09 3.56
N GLY B 115 10.75 -1.36 3.41
CA GLY B 115 10.73 -0.04 2.79
C GLY B 115 10.54 1.07 3.79
N THR B 116 11.14 2.23 3.50
CA THR B 116 10.96 3.42 4.34
C THR B 116 10.49 4.61 3.49
N LEU B 117 9.48 5.32 4.00
CA LEU B 117 8.84 6.38 3.21
C LEU B 117 9.50 7.73 3.42
N VAL B 118 9.92 8.33 2.32
CA VAL B 118 10.50 9.66 2.35
C VAL B 118 9.49 10.64 1.77
N THR B 119 9.24 11.74 2.47
CA THR B 119 8.33 12.76 1.98
C THR B 119 9.10 14.07 1.90
N VAL B 120 9.19 14.63 0.70
CA VAL B 120 9.83 15.91 0.51
C VAL B 120 8.78 17.01 0.41
N SER B 121 8.76 17.90 1.40
CA SER B 121 7.72 18.92 1.47
C SER B 121 8.10 20.03 2.43
N ALA B 122 7.44 21.19 2.28
CA ALA B 122 7.68 22.31 3.17
C ALA B 122 6.66 22.32 4.31
N ALA B 123 5.66 21.44 4.20
CA ALA B 123 4.59 21.40 5.20
C ALA B 123 5.13 20.92 6.54
N LYS B 124 4.38 21.17 7.60
CA LYS B 124 4.82 20.81 8.94
C LYS B 124 4.28 19.46 9.36
N THR B 125 5.00 18.79 10.26
CA THR B 125 4.52 17.56 10.86
C THR B 125 3.32 17.84 11.74
N THR B 126 2.21 17.15 11.48
CA THR B 126 0.99 17.31 12.26
C THR B 126 0.51 15.96 12.76
N PRO B 127 0.34 15.82 14.08
CA PRO B 127 -0.15 14.53 14.56
C PRO B 127 -1.62 14.30 14.24
N PRO B 128 -2.04 13.04 14.14
CA PRO B 128 -3.44 12.76 13.80
C PRO B 128 -4.36 12.99 14.98
N SER B 129 -5.62 13.28 14.70
CA SER B 129 -6.66 13.15 15.70
C SER B 129 -7.27 11.79 15.43
N VAL B 130 -7.52 11.01 16.48
CA VAL B 130 -8.05 9.67 16.27
C VAL B 130 -9.40 9.59 16.93
N TYR B 131 -10.43 9.31 16.14
CA TYR B 131 -11.80 9.27 16.66
C TYR B 131 -12.42 7.91 16.48
N PRO B 132 -13.18 7.46 17.48
CA PRO B 132 -13.82 6.15 17.45
C PRO B 132 -15.03 6.18 16.56
N LEU B 133 -15.29 5.07 15.87
CA LEU B 133 -16.48 4.96 15.03
C LEU B 133 -17.35 3.85 15.59
N ALA B 134 -18.40 4.26 16.30
CA ALA B 134 -19.33 3.34 16.92
C ALA B 134 -20.73 3.56 16.30
N PRO B 135 -21.50 2.48 16.16
CA PRO B 135 -22.83 2.60 15.59
C PRO B 135 -23.71 3.51 16.44
N GLY B 136 -24.58 4.28 15.80
CA GLY B 136 -25.60 5.01 16.54
C GLY B 136 -26.71 4.06 16.96
N SER B 137 -27.90 4.59 17.19
CA SER B 137 -29.04 3.75 17.49
C SER B 137 -29.52 3.00 16.24
N ALA B 138 -28.58 2.36 15.57
CA ALA B 138 -28.86 1.61 14.34
C ALA B 138 -29.15 0.14 14.59
N ALA B 139 -29.51 -0.57 13.53
CA ALA B 139 -29.84 -2.00 13.58
C ALA B 139 -28.94 -2.81 14.51
N GLN B 140 -27.63 -2.56 14.41
CA GLN B 140 -26.62 -3.18 15.28
C GLN B 140 -26.67 -4.72 15.33
N THR B 141 -27.85 -5.29 15.54
CA THR B 141 -27.97 -6.73 15.72
C THR B 141 -28.19 -7.46 14.40
N ASN B 142 -27.09 -7.67 13.68
CA ASN B 142 -27.13 -8.34 12.40
C ASN B 142 -26.18 -9.55 12.39
N SER B 143 -26.12 -10.24 13.51
CA SER B 143 -25.12 -11.30 13.74
C SER B 143 -23.72 -10.70 13.86
N MET B 144 -23.47 -9.66 13.06
CA MET B 144 -22.17 -9.01 13.06
C MET B 144 -22.32 -7.54 13.40
N VAL B 145 -21.19 -6.88 13.65
CA VAL B 145 -21.18 -5.44 13.86
C VAL B 145 -19.86 -4.90 13.32
N THR B 146 -19.92 -3.74 12.66
CA THR B 146 -18.73 -3.13 12.11
C THR B 146 -18.39 -1.86 12.88
N LEU B 147 -17.15 -1.77 13.33
CA LEU B 147 -16.68 -0.62 14.10
C LEU B 147 -15.57 0.01 13.29
N GLY B 148 -15.04 1.12 13.77
CA GLY B 148 -13.93 1.72 13.05
C GLY B 148 -13.18 2.78 13.82
N CYS B 149 -12.14 3.32 13.18
CA CYS B 149 -11.41 4.45 13.73
C CYS B 149 -11.11 5.45 12.63
N LEU B 150 -11.35 6.72 12.91
CA LEU B 150 -11.08 7.78 11.95
C LEU B 150 -9.78 8.47 12.35
N VAL B 151 -8.80 8.51 11.45
CA VAL B 151 -7.48 9.05 11.75
C VAL B 151 -7.29 10.29 10.90
N LYS B 152 -7.54 11.45 11.50
CA LYS B 152 -7.81 12.66 10.72
C LYS B 152 -6.77 13.75 10.91
N GLY B 153 -6.37 14.39 9.81
CA GLY B 153 -5.59 15.61 9.87
C GLY B 153 -4.12 15.48 10.24
N TYR B 154 -3.44 14.50 9.67
CA TYR B 154 -2.01 14.29 9.95
C TYR B 154 -1.12 14.54 8.74
N PHE B 155 0.16 14.77 9.00
CA PHE B 155 1.17 14.92 7.96
C PHE B 155 2.54 14.73 8.59
N PRO B 156 3.44 14.01 7.90
CA PRO B 156 3.30 13.32 6.62
C PRO B 156 2.78 11.90 6.80
N GLU B 157 2.63 11.16 5.69
CA GLU B 157 2.49 9.71 5.77
C GLU B 157 3.76 9.10 6.37
N PRO B 158 3.67 7.89 6.93
CA PRO B 158 2.50 7.02 7.06
C PRO B 158 1.91 7.00 8.47
N VAL B 159 0.80 6.29 8.62
CA VAL B 159 0.31 5.91 9.93
C VAL B 159 0.09 4.40 9.88
N THR B 160 0.16 3.76 11.04
CA THR B 160 -0.21 2.35 11.13
C THR B 160 -1.42 2.18 12.03
N VAL B 161 -2.30 1.28 11.64
CA VAL B 161 -3.48 1.00 12.43
C VAL B 161 -3.59 -0.49 12.60
N THR B 162 -3.69 -0.95 13.83
CA THR B 162 -4.04 -2.32 14.09
C THR B 162 -5.23 -2.35 15.03
N TRP B 163 -5.78 -3.54 15.23
CA TRP B 163 -6.93 -3.71 16.10
C TRP B 163 -6.62 -4.77 17.14
N ASN B 164 -6.85 -4.42 18.40
CA ASN B 164 -6.51 -5.32 19.51
C ASN B 164 -5.08 -5.80 19.40
N SER B 165 -4.18 -4.83 19.25
CA SER B 165 -2.76 -5.11 19.10
C SER B 165 -2.53 -6.24 18.12
N GLY B 166 -3.23 -6.20 16.99
CA GLY B 166 -3.02 -7.17 15.93
C GLY B 166 -3.86 -8.43 16.09
N SER B 167 -4.47 -8.59 17.26
CA SER B 167 -5.26 -9.79 17.57
C SER B 167 -6.48 -9.90 16.66
N LEU B 168 -7.07 -8.76 16.31
CA LEU B 168 -8.10 -8.72 15.27
C LEU B 168 -7.43 -8.43 13.93
N SER B 169 -7.46 -9.41 13.04
CA SER B 169 -6.73 -9.34 11.80
C SER B 169 -7.67 -9.54 10.62
N SER B 170 -8.44 -10.63 10.66
CA SER B 170 -9.46 -10.84 9.64
C SER B 170 -10.62 -9.87 9.87
N GLY B 171 -11.26 -9.47 8.79
CA GLY B 171 -12.38 -8.55 8.90
C GLY B 171 -11.96 -7.13 9.16
N VAL B 172 -10.71 -6.80 8.83
CA VAL B 172 -10.22 -5.44 8.95
C VAL B 172 -9.94 -4.86 7.57
N HIS B 173 -10.48 -3.67 7.30
CA HIS B 173 -10.16 -2.89 6.09
C HIS B 173 -9.57 -1.54 6.50
N THR B 174 -8.37 -1.23 6.05
CA THR B 174 -7.84 0.11 6.29
C THR B 174 -7.78 0.86 4.95
N PHE B 175 -8.47 2.00 4.91
CA PHE B 175 -8.64 2.74 3.66
C PHE B 175 -7.47 3.70 3.45
N PRO B 176 -6.92 3.71 2.24
CA PRO B 176 -5.80 4.59 1.88
C PRO B 176 -6.09 6.04 2.23
N ALA B 177 -5.08 6.73 2.74
CA ALA B 177 -5.25 8.12 3.17
C ALA B 177 -5.56 9.00 1.98
N VAL B 178 -6.29 10.08 2.24
CA VAL B 178 -6.53 11.09 1.22
C VAL B 178 -5.99 12.43 1.67
N LEU B 179 -5.34 13.12 0.76
CA LEU B 179 -4.70 14.40 1.06
C LEU B 179 -5.63 15.57 0.79
N GLN B 180 -5.77 16.43 1.80
CA GLN B 180 -6.69 17.56 1.73
C GLN B 180 -6.13 18.79 2.44
N SER B 181 -6.10 19.91 1.74
CA SER B 181 -5.46 21.10 2.28
C SER B 181 -4.27 20.74 3.18
N ASP B 182 -3.31 20.01 2.60
CA ASP B 182 -2.05 19.71 3.25
C ASP B 182 -2.12 18.74 4.43
N LEU B 183 -3.28 18.12 4.64
CA LEU B 183 -3.39 17.11 5.70
C LEU B 183 -3.98 15.81 5.16
N TYR B 184 -3.50 14.68 5.68
CA TYR B 184 -4.08 13.38 5.34
C TYR B 184 -5.14 12.95 6.33
N THR B 185 -6.09 12.17 5.83
CA THR B 185 -7.08 11.51 6.67
C THR B 185 -7.33 10.12 6.16
N LEU B 186 -7.36 9.14 7.06
CA LEU B 186 -7.79 7.82 6.67
C LEU B 186 -8.71 7.26 7.73
N SER B 187 -9.31 6.11 7.42
CA SER B 187 -10.16 5.42 8.36
C SER B 187 -9.88 3.94 8.27
N SER B 188 -10.27 3.21 9.31
CA SER B 188 -10.12 1.76 9.34
C SER B 188 -11.37 1.15 9.94
N SER B 189 -11.87 0.07 9.35
CA SER B 189 -13.05 -0.60 9.87
C SER B 189 -12.69 -2.01 10.28
N VAL B 190 -13.44 -2.53 11.25
CA VAL B 190 -13.23 -3.90 11.71
C VAL B 190 -14.60 -4.51 11.95
N THR B 191 -14.75 -5.77 11.57
CA THR B 191 -16.04 -6.45 11.63
C THR B 191 -15.96 -7.69 12.52
N VAL B 192 -16.83 -7.75 13.53
CA VAL B 192 -16.84 -8.84 14.49
C VAL B 192 -18.29 -9.23 14.86
N PRO B 193 -18.46 -10.42 15.46
CA PRO B 193 -19.76 -10.80 16.01
C PRO B 193 -20.20 -9.85 17.12
N SER B 194 -21.46 -9.42 17.08
CA SER B 194 -21.98 -8.46 18.06
C SER B 194 -22.20 -9.12 19.40
N SER B 195 -22.03 -10.44 19.46
CA SER B 195 -22.10 -11.15 20.72
C SER B 195 -20.82 -10.87 21.48
N THR B 196 -19.77 -10.51 20.73
CA THR B 196 -18.44 -10.31 21.29
C THR B 196 -18.17 -8.84 21.61
N TRP B 197 -18.91 -7.94 20.98
CA TRP B 197 -18.78 -6.52 21.31
C TRP B 197 -20.15 -5.94 21.64
N PRO B 198 -20.23 -5.12 22.70
CA PRO B 198 -19.12 -4.65 23.54
C PRO B 198 -18.85 -5.57 24.73
N SER B 199 -19.30 -6.82 24.63
CA SER B 199 -18.99 -7.83 25.62
C SER B 199 -17.47 -7.91 25.86
N GLU B 200 -16.72 -8.07 24.78
CA GLU B 200 -15.26 -7.95 24.83
C GLU B 200 -14.83 -6.58 24.31
N THR B 201 -13.61 -6.17 24.65
CA THR B 201 -13.12 -4.87 24.24
C THR B 201 -12.58 -4.89 22.81
N VAL B 202 -12.82 -3.80 22.07
CA VAL B 202 -12.25 -3.63 20.76
C VAL B 202 -11.57 -2.27 20.72
N THR B 203 -10.28 -2.26 20.39
CA THR B 203 -9.47 -1.07 20.46
C THR B 203 -8.61 -0.93 19.22
N CYS B 204 -8.55 0.28 18.66
CA CYS B 204 -7.67 0.50 17.51
C CYS B 204 -6.37 1.10 18.00
N ASN B 205 -5.27 0.55 17.51
CA ASN B 205 -3.95 1.02 17.88
C ASN B 205 -3.40 1.81 16.72
N VAL B 206 -3.19 3.11 16.94
CA VAL B 206 -2.73 3.97 15.85
C VAL B 206 -1.38 4.59 16.17
N ALA B 207 -0.49 4.57 15.19
CA ALA B 207 0.83 5.16 15.36
C ALA B 207 1.14 6.08 14.20
N HIS B 208 1.79 7.20 14.50
CA HIS B 208 2.24 8.13 13.50
C HIS B 208 3.69 8.43 13.81
N PRO B 209 4.60 7.72 13.12
CA PRO B 209 6.03 7.80 13.45
C PRO B 209 6.60 9.22 13.39
N ALA B 210 6.15 10.03 12.43
CA ALA B 210 6.72 11.36 12.26
C ALA B 210 6.56 12.22 13.51
N SER B 211 5.46 12.01 14.23
CA SER B 211 5.24 12.75 15.46
C SER B 211 5.34 11.86 16.70
N SER B 212 5.88 10.66 16.50
CA SER B 212 5.95 9.65 17.56
C SER B 212 4.61 9.52 18.30
N THR B 213 3.51 9.74 17.59
CA THR B 213 2.21 9.56 18.21
C THR B 213 1.89 8.08 18.37
N LYS B 214 1.44 7.70 19.57
CA LYS B 214 0.89 6.37 19.80
C LYS B 214 -0.45 6.52 20.52
N VAL B 215 -1.50 5.92 19.95
CA VAL B 215 -2.86 6.06 20.46
C VAL B 215 -3.53 4.72 20.55
N ASP B 216 -4.17 4.45 21.69
CA ASP B 216 -5.07 3.32 21.78
C ASP B 216 -6.47 3.87 21.99
N LYS B 217 -7.37 3.59 21.06
CA LYS B 217 -8.72 4.09 21.18
C LYS B 217 -9.71 2.93 21.30
N LYS B 218 -10.27 2.78 22.50
CA LYS B 218 -11.26 1.75 22.75
C LYS B 218 -12.57 2.21 22.15
N ILE B 219 -13.26 1.32 21.47
CA ILE B 219 -14.56 1.64 20.88
C ILE B 219 -15.63 1.32 21.92
N VAL B 220 -16.29 2.36 22.42
CA VAL B 220 -17.31 2.21 23.45
C VAL B 220 -18.71 2.48 22.90
N PRO B 221 -19.69 1.68 23.34
CA PRO B 221 -21.07 1.79 22.86
C PRO B 221 -21.80 2.98 23.44
N ARG B 222 -22.72 3.53 22.67
CA ARG B 222 -23.60 4.60 23.15
C ARG B 222 -22.86 5.92 23.35
MG MG C . -13.22 -7.33 2.77
C1 KDO D . 28.95 -5.69 -12.37
O1A KDO D . 28.85 -4.67 -13.10
O1B KDO D . 29.53 -5.65 -11.25
C2 KDO D . 28.34 -6.96 -12.85
O2 KDO D . 29.10 -8.03 -12.41
C3 KDO D . 26.95 -7.04 -12.32
C4 KDO D . 26.24 -8.22 -12.87
O4 KDO D . 24.90 -8.19 -12.47
C5 KDO D . 26.26 -8.27 -14.33
O5 KDO D . 25.54 -7.17 -14.84
C6 KDO D . 27.66 -8.14 -14.84
O6 KDO D . 28.36 -6.96 -14.28
C7 KDO D . 27.76 -8.08 -16.35
O7 KDO D . 27.18 -9.18 -16.94
C8 KDO D . 29.22 -8.09 -16.73
O8 KDO D . 29.88 -9.27 -16.48
ZN ZN E . 32.37 1.56 -12.28
#